data_3HF5
#
_entry.id   3HF5
#
_cell.length_a   81.760
_cell.length_b   84.000
_cell.length_c   150.050
_cell.angle_alpha   90.00
_cell.angle_beta   90.00
_cell.angle_gamma   90.00
#
_symmetry.space_group_name_H-M   'C 2 2 21'
#
loop_
_entity.id
_entity.type
_entity.pdbx_description
1 polymer '4-methylmuconolactone methylisomerase'
2 non-polymer '[(2S)-3-methyl-5-oxo-2,5-dihydrofuran-2-yl]acetic acid'
3 water water
#
_entity_poly.entity_id   1
_entity_poly.type   'polypeptide(L)'
_entity_poly.pdbx_seq_one_letter_code
;PQFEKIEGRMIRILYLLVKPESMSHEQFRKECVVHFQMSAGMPGLHKYEVRLVAGNPTDTHVPYLDVGRIDAIGECWFAS
EEQYQVYMESDIRKAWFEHGKYFIGQLKPFVTEELV
;
_entity_poly.pdbx_strand_id   A,B,C,D
#
# COMPACT_ATOMS: atom_id res chain seq x y z
N GLN A 2 35.63 16.66 -0.74
CA GLN A 2 35.31 16.90 0.71
C GLN A 2 34.22 17.96 0.93
N PHE A 3 34.29 19.11 0.25
CA PHE A 3 33.12 20.01 0.12
C PHE A 3 31.79 19.32 -0.20
N GLU A 4 31.71 18.58 -1.29
CA GLU A 4 30.47 17.92 -1.66
C GLU A 4 30.00 16.94 -0.59
N LYS A 5 30.95 16.22 0.01
CA LYS A 5 30.63 15.32 1.09
C LYS A 5 30.01 16.04 2.31
N ILE A 6 30.61 17.17 2.73
CA ILE A 6 30.12 17.89 3.89
C ILE A 6 28.79 18.57 3.57
N GLU A 7 28.70 19.09 2.34
CA GLU A 7 27.44 19.64 1.86
C GLU A 7 26.30 18.61 1.91
N GLY A 8 26.59 17.38 1.49
CA GLY A 8 25.57 16.35 1.51
C GLY A 8 25.04 15.99 2.87
N ARG A 9 25.84 16.19 3.93
N ARG A 9 25.89 16.26 3.87
CA ARG A 9 25.35 15.92 5.29
CA ARG A 9 25.63 16.04 5.27
C ARG A 9 24.69 17.10 6.01
C ARG A 9 24.90 17.18 6.03
N MET A 10 24.56 18.25 5.32
CA MET A 10 23.84 19.40 5.89
C MET A 10 22.40 19.07 6.24
N ILE A 11 21.71 19.94 6.96
CA ILE A 11 20.28 19.88 7.12
C ILE A 11 19.69 20.06 5.72
N ARG A 12 18.90 19.12 5.25
CA ARG A 12 18.31 19.18 3.90
C ARG A 12 16.85 18.91 3.99
N ILE A 13 16.09 19.74 3.30
CA ILE A 13 14.64 19.59 3.22
C ILE A 13 14.27 19.52 1.75
N LEU A 14 13.53 18.47 1.37
N LEU A 14 13.64 18.42 1.34
CA LEU A 14 13.13 18.17 0.00
CA LEU A 14 13.18 18.28 -0.04
C LEU A 14 11.65 18.45 -0.14
C LEU A 14 11.68 18.64 -0.06
N TYR A 15 11.23 19.17 -1.18
CA TYR A 15 9.84 19.56 -1.32
C TYR A 15 9.27 19.03 -2.64
N LEU A 16 8.07 18.44 -2.53
CA LEU A 16 7.23 18.17 -3.74
C LEU A 16 6.32 19.35 -3.94
N LEU A 17 6.35 19.95 -5.14
N LEU A 17 6.28 19.92 -5.15
CA LEU A 17 5.52 21.13 -5.50
CA LEU A 17 5.44 21.10 -5.40
C LEU A 17 4.43 20.69 -6.47
C LEU A 17 4.46 20.82 -6.51
N VAL A 18 3.22 21.16 -6.22
CA VAL A 18 2.14 21.01 -7.24
C VAL A 18 1.72 22.45 -7.59
N LYS A 19 1.59 22.77 -8.89
CA LYS A 19 1.19 24.14 -9.29
C LYS A 19 -0.28 24.40 -8.94
N PRO A 20 -0.63 25.68 -8.81
CA PRO A 20 -2.05 26.02 -8.67
C PRO A 20 -2.87 25.47 -9.84
N GLU A 21 -4.03 24.95 -9.53
CA GLU A 21 -4.86 24.29 -10.52
C GLU A 21 -5.08 25.15 -11.75
N SER A 22 -5.24 26.45 -11.53
CA SER A 22 -5.57 27.32 -12.64
CA SER A 22 -5.57 27.45 -12.52
C SER A 22 -4.37 27.95 -13.32
N MET A 23 -3.16 27.80 -12.78
CA MET A 23 -1.97 28.39 -13.40
C MET A 23 -1.50 27.50 -14.55
N SER A 24 -1.13 28.11 -15.68
CA SER A 24 -0.64 27.31 -16.76
C SER A 24 0.74 26.70 -16.44
N HIS A 25 1.04 25.60 -17.09
CA HIS A 25 2.41 25.06 -16.99
C HIS A 25 3.47 26.04 -17.42
N GLU A 26 3.17 26.83 -18.45
CA GLU A 26 4.10 27.84 -18.99
C GLU A 26 4.42 28.85 -17.89
N GLN A 27 3.39 29.28 -17.19
CA GLN A 27 3.61 30.29 -16.17
C GLN A 27 4.34 29.66 -14.97
N PHE A 28 3.88 28.49 -14.54
CA PHE A 28 4.55 27.81 -13.41
C PHE A 28 6.04 27.65 -13.65
N ARG A 29 6.48 27.30 -14.85
CA ARG A 29 7.90 27.16 -15.08
CA ARG A 29 7.91 27.19 -15.14
C ARG A 29 8.61 28.51 -14.87
N LYS A 30 8.03 29.58 -15.38
CA LYS A 30 8.59 30.88 -15.19
C LYS A 30 8.68 31.26 -13.73
N GLU A 31 7.66 30.92 -12.96
CA GLU A 31 7.61 31.26 -11.51
C GLU A 31 8.65 30.41 -10.73
N CYS A 32 8.92 29.19 -11.20
CA CYS A 32 10.01 28.40 -10.55
C CYS A 32 11.33 29.11 -10.71
N VAL A 33 11.64 29.63 -11.92
CA VAL A 33 12.86 30.37 -12.19
C VAL A 33 12.91 31.62 -11.34
N VAL A 34 11.83 32.37 -11.23
CA VAL A 34 11.78 33.56 -10.37
C VAL A 34 12.11 33.10 -8.94
N HIS A 35 11.54 31.98 -8.49
CA HIS A 35 11.71 31.56 -7.10
C HIS A 35 13.18 31.21 -6.85
N PHE A 36 13.85 30.61 -7.83
CA PHE A 36 15.28 30.38 -7.68
C PHE A 36 16.02 31.71 -7.62
N GLN A 37 15.69 32.64 -8.52
CA GLN A 37 16.43 33.92 -8.51
C GLN A 37 16.28 34.61 -7.16
N MET A 38 15.11 34.51 -6.55
CA MET A 38 14.81 35.14 -5.27
C MET A 38 15.59 34.52 -4.14
N SER A 39 16.04 33.28 -4.34
CA SER A 39 16.75 32.57 -3.29
C SER A 39 18.16 33.13 -3.15
N ALA A 40 18.69 33.82 -4.16
CA ALA A 40 20.07 34.30 -4.13
C ALA A 40 20.27 35.21 -2.92
N GLY A 41 21.31 34.88 -2.15
CA GLY A 41 21.68 35.70 -1.02
C GLY A 41 20.80 35.59 0.20
N MET A 42 19.87 34.62 0.20
N MET A 42 19.88 34.63 0.19
CA MET A 42 18.91 34.35 1.28
CA MET A 42 18.97 34.42 1.28
C MET A 42 19.66 34.08 2.61
C MET A 42 19.75 34.16 2.57
N PRO A 43 19.50 34.96 3.62
CA PRO A 43 20.13 34.71 4.93
C PRO A 43 19.92 33.28 5.44
N GLY A 44 21.02 32.63 5.83
CA GLY A 44 20.95 31.31 6.43
C GLY A 44 20.94 30.13 5.47
N LEU A 45 20.65 30.40 4.20
CA LEU A 45 20.48 29.30 3.23
C LEU A 45 21.81 29.01 2.57
N HIS A 46 22.23 27.75 2.56
CA HIS A 46 23.42 27.42 1.83
C HIS A 46 23.17 27.16 0.36
N LYS A 47 22.06 26.52 0.00
CA LYS A 47 21.78 26.14 -1.41
C LYS A 47 20.30 25.93 -1.53
N TYR A 48 19.76 26.32 -2.70
CA TYR A 48 18.40 26.03 -3.12
C TYR A 48 18.50 25.45 -4.51
N GLU A 49 17.66 24.46 -4.80
N GLU A 49 17.73 24.38 -4.77
CA GLU A 49 17.56 23.93 -6.14
CA GLU A 49 17.51 23.77 -6.09
C GLU A 49 16.09 23.67 -6.41
C GLU A 49 16.02 23.71 -6.38
N VAL A 50 15.65 23.95 -7.64
CA VAL A 50 14.30 23.64 -8.09
C VAL A 50 14.39 23.08 -9.50
N ARG A 51 13.61 22.02 -9.67
CA ARG A 51 13.60 21.29 -10.94
C ARG A 51 12.19 20.94 -11.30
N LEU A 52 11.89 20.92 -12.62
CA LEU A 52 10.57 20.42 -13.06
C LEU A 52 10.51 18.89 -13.03
N VAL A 53 9.34 18.31 -12.81
CA VAL A 53 9.13 16.88 -13.08
C VAL A 53 8.83 16.76 -14.59
N ALA A 54 9.71 16.10 -15.34
CA ALA A 54 9.59 15.99 -16.83
C ALA A 54 9.00 14.69 -17.16
N GLY A 55 9.17 13.68 -16.34
CA GLY A 55 8.60 12.38 -16.67
C GLY A 55 8.28 11.53 -15.48
N ASN A 56 7.36 10.62 -15.69
CA ASN A 56 6.83 9.77 -14.66
C ASN A 56 6.84 8.32 -15.12
N PRO A 57 8.03 7.69 -15.19
CA PRO A 57 8.05 6.31 -15.75
C PRO A 57 7.29 5.39 -14.81
N THR A 58 6.33 4.69 -15.42
N THR A 58 6.62 4.36 -15.35
CA THR A 58 5.18 4.09 -14.74
CA THR A 58 5.89 3.43 -14.48
C THR A 58 5.44 2.61 -14.69
C THR A 58 6.38 1.96 -14.49
N ASP A 59 6.41 2.20 -15.51
N ASP A 59 7.44 1.66 -15.23
CA ASP A 59 6.80 0.82 -15.69
CA ASP A 59 7.92 0.27 -15.24
C ASP A 59 7.84 0.44 -14.63
C ASP A 59 8.95 0.01 -14.12
N THR A 60 7.39 0.21 -13.41
N THR A 60 8.50 0.17 -12.88
CA THR A 60 8.36 -0.14 -12.36
CA THR A 60 9.40 0.12 -11.71
C THR A 60 8.47 -1.65 -12.10
C THR A 60 10.05 -1.26 -11.44
N HIS A 61 9.69 -2.04 -11.74
N HIS A 61 9.35 -2.36 -11.71
CA HIS A 61 10.07 -3.38 -11.30
CA HIS A 61 9.90 -3.68 -11.39
C HIS A 61 9.39 -3.68 -9.96
C HIS A 61 9.71 -4.00 -9.91
N VAL A 62 9.45 -2.67 -9.10
N VAL A 62 9.30 -3.01 -9.15
CA VAL A 62 8.88 -2.67 -7.77
CA VAL A 62 8.75 -3.22 -7.82
C VAL A 62 7.42 -2.18 -7.87
C VAL A 62 7.48 -2.37 -7.85
N PRO A 63 6.51 -2.64 -6.97
CA PRO A 63 5.17 -2.06 -7.09
C PRO A 63 5.14 -0.52 -7.14
N TYR A 64 4.33 0.02 -8.04
CA TYR A 64 4.37 1.44 -8.31
C TYR A 64 3.65 2.22 -7.22
N LEU A 65 4.22 3.34 -6.76
CA LEU A 65 3.55 4.19 -5.79
C LEU A 65 2.94 5.40 -6.52
N ASP A 66 1.63 5.56 -6.44
CA ASP A 66 0.94 6.68 -7.11
C ASP A 66 0.81 7.77 -6.06
N VAL A 67 1.33 8.93 -6.38
CA VAL A 67 1.24 10.08 -5.50
C VAL A 67 0.55 11.23 -6.23
N GLY A 68 -0.05 10.93 -7.36
CA GLY A 68 -0.69 12.00 -8.13
C GLY A 68 0.36 12.76 -8.92
N ARG A 69 -0.02 13.93 -9.41
CA ARG A 69 0.85 14.70 -10.30
C ARG A 69 1.65 15.66 -9.45
N ILE A 70 2.98 15.53 -9.56
CA ILE A 70 3.88 16.50 -8.93
C ILE A 70 4.49 17.25 -10.06
N ASP A 71 4.55 18.56 -9.91
CA ASP A 71 5.07 19.43 -10.97
C ASP A 71 6.52 19.86 -10.87
N ALA A 72 7.02 20.03 -9.61
CA ALA A 72 8.41 20.39 -9.46
C ALA A 72 8.89 19.82 -8.12
N ILE A 73 10.20 19.84 -7.97
N ILE A 73 10.22 19.75 -8.04
CA ILE A 73 10.89 19.35 -6.76
CA ILE A 73 10.97 19.35 -6.83
C ILE A 73 11.86 20.40 -6.34
C ILE A 73 11.80 20.55 -6.37
N GLY A 74 11.73 20.85 -5.08
CA GLY A 74 12.63 21.88 -4.51
C GLY A 74 13.48 21.25 -3.45
N GLU A 75 14.59 21.90 -3.12
CA GLU A 75 15.41 21.38 -2.01
C GLU A 75 16.24 22.50 -1.45
N CYS A 76 16.33 22.52 -0.12
CA CYS A 76 17.12 23.50 0.62
C CYS A 76 18.15 22.79 1.46
N TRP A 77 19.33 23.41 1.54
CA TRP A 77 20.46 22.98 2.39
C TRP A 77 20.74 24.09 3.41
N PHE A 78 20.93 23.71 4.67
CA PHE A 78 21.34 24.68 5.73
C PHE A 78 22.51 24.09 6.40
N ALA A 79 23.57 24.91 6.55
CA ALA A 79 24.85 24.41 7.05
C ALA A 79 24.90 24.12 8.53
N SER A 80 23.94 24.63 9.28
CA SER A 80 23.94 24.41 10.74
C SER A 80 22.58 24.76 11.29
N GLU A 81 22.33 24.38 12.55
N GLU A 81 22.41 24.39 12.56
CA GLU A 81 21.09 24.80 13.20
CA GLU A 81 21.21 24.74 13.28
C GLU A 81 21.02 26.33 13.34
C GLU A 81 21.05 26.26 13.38
N GLU A 82 22.14 26.97 13.65
CA GLU A 82 22.12 28.44 13.80
C GLU A 82 21.73 29.12 12.46
N GLN A 83 22.17 28.54 11.36
CA GLN A 83 21.91 29.14 10.06
C GLN A 83 20.46 28.92 9.69
N TYR A 84 19.93 27.74 9.99
CA TYR A 84 18.55 27.48 9.79
C TYR A 84 17.73 28.50 10.55
N GLN A 85 18.14 28.81 11.78
CA GLN A 85 17.41 29.85 12.56
C GLN A 85 17.49 31.25 11.97
N VAL A 86 18.64 31.67 11.44
CA VAL A 86 18.80 32.93 10.77
C VAL A 86 17.76 32.97 9.61
N TYR A 87 17.74 31.92 8.80
CA TYR A 87 16.72 31.79 7.75
C TYR A 87 15.31 31.86 8.26
N MET A 88 14.95 31.04 9.25
CA MET A 88 13.59 31.05 9.79
CA MET A 88 13.59 31.06 9.81
C MET A 88 13.15 32.43 10.32
N GLU A 89 14.09 33.23 10.80
CA GLU A 89 13.73 34.55 11.34
C GLU A 89 13.74 35.66 10.31
N SER A 90 14.28 35.40 9.12
N SER A 90 14.27 35.40 9.10
CA SER A 90 14.53 36.43 8.15
CA SER A 90 14.54 36.44 8.13
C SER A 90 13.25 36.98 7.49
C SER A 90 13.36 36.99 7.33
N ASP A 91 13.18 38.30 7.40
CA ASP A 91 12.15 38.99 6.61
C ASP A 91 12.26 38.65 5.13
N ILE A 92 13.49 38.46 4.67
N ILE A 92 13.48 38.44 4.64
CA ILE A 92 13.76 38.12 3.27
CA ILE A 92 13.69 38.13 3.21
C ILE A 92 13.20 36.74 2.88
C ILE A 92 13.29 36.70 2.82
N ARG A 93 13.30 35.78 3.79
CA ARG A 93 12.67 34.46 3.60
C ARG A 93 11.16 34.65 3.57
N LYS A 94 10.66 35.54 4.42
N LYS A 94 10.67 35.56 4.41
CA LYS A 94 9.22 35.75 4.51
CA LYS A 94 9.23 35.76 4.50
C LYS A 94 8.68 36.28 3.16
C LYS A 94 8.69 36.26 3.15
N ALA A 95 9.45 37.14 2.50
CA ALA A 95 9.07 37.67 1.19
C ALA A 95 9.17 36.52 0.12
N TRP A 96 10.16 35.65 0.26
CA TRP A 96 10.30 34.54 -0.67
C TRP A 96 9.10 33.65 -0.56
N PHE A 97 8.67 33.38 0.66
CA PHE A 97 7.48 32.55 0.89
C PHE A 97 6.17 33.22 0.35
N GLU A 98 6.13 34.55 0.32
CA GLU A 98 5.00 35.25 -0.28
C GLU A 98 4.95 34.89 -1.76
N HIS A 99 6.10 34.95 -2.43
CA HIS A 99 6.17 34.43 -3.81
C HIS A 99 5.73 32.94 -3.91
N GLY A 100 6.16 32.10 -2.98
CA GLY A 100 5.70 30.75 -2.95
C GLY A 100 4.20 30.58 -2.90
N LYS A 101 3.51 31.43 -2.13
N LYS A 101 3.53 31.46 -2.14
CA LYS A 101 2.06 31.33 -2.05
CA LYS A 101 2.08 31.40 -2.02
C LYS A 101 1.37 31.59 -3.39
C LYS A 101 1.37 31.63 -3.36
N TYR A 102 2.02 32.40 -4.22
CA TYR A 102 1.49 32.70 -5.56
C TYR A 102 1.62 31.55 -6.56
N PHE A 103 2.75 30.83 -6.56
CA PHE A 103 2.92 29.83 -7.64
C PHE A 103 2.95 28.39 -7.13
N ILE A 104 2.89 28.15 -5.83
CA ILE A 104 2.80 26.79 -5.32
C ILE A 104 1.40 26.52 -4.81
N GLY A 105 0.71 25.63 -5.51
CA GLY A 105 -0.63 25.22 -5.13
C GLY A 105 -0.68 24.34 -3.87
N GLN A 106 0.19 23.31 -3.82
CA GLN A 106 0.25 22.36 -2.67
C GLN A 106 1.71 21.95 -2.54
N LEU A 107 2.09 21.63 -1.32
CA LEU A 107 3.54 21.39 -0.99
C LEU A 107 3.65 20.25 -0.01
N LYS A 108 4.61 19.33 -0.21
CA LYS A 108 4.95 18.31 0.79
C LYS A 108 6.46 18.48 1.12
N PRO A 109 6.84 18.87 2.35
CA PRO A 109 8.26 18.84 2.75
C PRO A 109 8.68 17.52 3.41
N PHE A 110 9.89 17.10 3.12
CA PHE A 110 10.53 15.95 3.80
C PHE A 110 11.83 16.43 4.36
N VAL A 111 11.99 16.33 5.66
CA VAL A 111 13.32 16.58 6.26
C VAL A 111 14.09 15.28 6.15
N THR A 112 15.24 15.30 5.52
CA THR A 112 15.97 14.07 5.25
C THR A 112 17.10 13.83 6.25
N GLU A 113 17.58 12.62 6.28
CA GLU A 113 18.66 12.21 7.16
C GLU A 113 19.64 11.45 6.31
N GLU A 114 20.91 11.86 6.31
N GLU A 114 20.90 11.85 6.36
CA GLU A 114 21.92 11.23 5.47
CA GLU A 114 21.84 11.20 5.54
C GLU A 114 22.40 10.00 6.24
C GLU A 114 22.22 9.89 6.29
N LEU A 115 22.62 8.91 5.49
CA LEU A 115 22.93 7.58 6.03
C LEU A 115 24.42 7.24 5.97
N VAL A 116 25.17 8.01 5.19
CA VAL A 116 26.57 7.77 4.88
C VAL A 116 27.37 9.07 4.78
N PRO B 1 -34.28 -16.24 4.31
CA PRO B 1 -35.38 -15.99 3.36
C PRO B 1 -34.90 -15.83 1.91
N GLN B 2 -35.81 -15.36 1.03
CA GLN B 2 -35.54 -15.10 -0.39
C GLN B 2 -34.66 -13.88 -0.72
N PHE B 3 -34.82 -12.77 0.02
CA PHE B 3 -33.80 -11.72 -0.03
C PHE B 3 -32.39 -12.27 0.27
N GLU B 4 -32.21 -13.05 1.33
CA GLU B 4 -30.90 -13.64 1.62
C GLU B 4 -30.37 -14.48 0.46
N LYS B 5 -31.26 -15.18 -0.23
CA LYS B 5 -30.82 -15.96 -1.37
C LYS B 5 -30.26 -15.06 -2.48
N ILE B 6 -30.96 -13.97 -2.78
CA ILE B 6 -30.50 -13.12 -3.85
C ILE B 6 -29.21 -12.32 -3.43
N GLU B 7 -29.18 -11.91 -2.17
CA GLU B 7 -28.00 -11.27 -1.64
C GLU B 7 -26.79 -12.17 -1.73
N GLY B 8 -26.98 -13.46 -1.44
CA GLY B 8 -25.88 -14.40 -1.56
C GLY B 8 -25.28 -14.52 -2.92
N ARG B 9 -26.12 -14.32 -3.94
CA ARG B 9 -25.72 -14.37 -5.34
C ARG B 9 -25.19 -13.11 -5.97
N MET B 10 -25.03 -12.06 -5.12
CA MET B 10 -24.46 -10.82 -5.63
C MET B 10 -22.99 -10.92 -6.02
N ILE B 11 -22.47 -9.86 -6.60
CA ILE B 11 -21.00 -9.73 -6.82
C ILE B 11 -20.36 -9.54 -5.44
N ARG B 12 -19.50 -10.48 -5.03
CA ARG B 12 -18.95 -10.45 -3.66
C ARG B 12 -17.45 -10.57 -3.77
N ILE B 13 -16.77 -9.65 -3.10
CA ILE B 13 -15.32 -9.62 -3.03
CA ILE B 13 -15.32 -9.66 -3.02
C ILE B 13 -14.93 -9.82 -1.56
N LEU B 14 -14.10 -10.84 -1.30
N LEU B 14 -14.17 -10.87 -1.27
CA LEU B 14 -13.61 -11.20 0.05
CA LEU B 14 -13.70 -11.07 0.10
C LEU B 14 -12.16 -10.75 0.21
C LEU B 14 -12.25 -10.52 0.15
N TYR B 15 -11.86 -10.06 1.33
CA TYR B 15 -10.50 -9.49 1.54
C TYR B 15 -9.85 -10.05 2.77
N LEU B 16 -8.59 -10.39 2.63
CA LEU B 16 -7.73 -10.69 3.80
C LEU B 16 -6.97 -9.41 4.11
N LEU B 17 -7.04 -8.94 5.36
N LEU B 17 -7.03 -8.95 5.37
CA LEU B 17 -6.38 -7.70 5.81
CA LEU B 17 -6.36 -7.72 5.79
C LEU B 17 -5.28 -7.99 6.79
C LEU B 17 -5.27 -8.03 6.78
N VAL B 18 -4.12 -7.38 6.58
CA VAL B 18 -2.99 -7.47 7.55
C VAL B 18 -2.77 -6.06 8.02
N LYS B 19 -2.70 -5.90 9.34
CA LYS B 19 -2.50 -4.57 9.92
C LYS B 19 -1.06 -4.03 9.52
N PRO B 20 -0.95 -2.69 9.54
CA PRO B 20 0.38 -2.10 9.32
C PRO B 20 1.40 -2.59 10.33
N GLU B 21 2.60 -2.89 9.86
CA GLU B 21 3.73 -3.27 10.64
C GLU B 21 3.94 -2.39 11.91
N SER B 22 3.67 -1.12 11.76
CA SER B 22 3.88 -0.18 12.88
C SER B 22 2.72 0.00 13.78
N MET B 23 1.54 -0.55 13.43
CA MET B 23 0.33 -0.37 14.23
C MET B 23 0.07 -1.50 15.22
N SER B 24 -0.46 -1.17 16.38
CA SER B 24 -0.80 -2.21 17.34
C SER B 24 -2.08 -2.95 16.96
N HIS B 25 -2.21 -4.17 17.46
N HIS B 25 -2.19 -4.19 17.45
CA HIS B 25 -3.46 -4.89 17.25
CA HIS B 25 -3.43 -4.94 17.31
C HIS B 25 -4.62 -4.15 17.90
C HIS B 25 -4.60 -4.14 17.89
N GLU B 26 -4.38 -3.51 19.03
CA GLU B 26 -5.42 -2.78 19.69
C GLU B 26 -5.99 -1.67 18.82
N GLN B 27 -5.13 -0.89 18.18
CA GLN B 27 -5.60 0.20 17.37
C GLN B 27 -6.24 -0.37 16.07
N PHE B 28 -5.64 -1.39 15.53
CA PHE B 28 -6.18 -1.97 14.27
C PHE B 28 -7.65 -2.37 14.52
N ARG B 29 -7.97 -3.03 15.63
CA ARG B 29 -9.35 -3.38 15.97
CA ARG B 29 -9.37 -3.36 15.95
C ARG B 29 -10.26 -2.13 15.88
N LYS B 30 -9.85 -1.04 16.51
CA LYS B 30 -10.62 0.23 16.50
CA LYS B 30 -10.68 0.17 16.51
C LYS B 30 -10.83 0.70 15.07
N GLU B 31 -9.78 0.60 14.27
CA GLU B 31 -9.88 1.11 12.92
C GLU B 31 -10.75 0.22 12.03
N CYS B 32 -10.80 -1.08 12.31
CA CYS B 32 -11.79 -1.91 11.57
C CYS B 32 -13.20 -1.40 11.83
N VAL B 33 -13.53 -1.08 13.09
CA VAL B 33 -14.85 -0.56 13.39
C VAL B 33 -15.08 0.79 12.72
N VAL B 34 -14.08 1.67 12.73
CA VAL B 34 -14.24 2.94 12.01
C VAL B 34 -14.50 2.67 10.52
N HIS B 35 -13.77 1.73 9.93
CA HIS B 35 -13.95 1.45 8.48
C HIS B 35 -15.36 0.96 8.20
N PHE B 36 -15.91 0.12 9.09
CA PHE B 36 -17.32 -0.25 8.93
C PHE B 36 -18.26 0.97 9.01
N GLN B 37 -18.05 1.83 10.00
CA GLN B 37 -18.87 3.04 10.12
C GLN B 37 -18.79 3.93 8.86
N MET B 38 -17.60 4.04 8.31
CA MET B 38 -17.38 4.82 7.08
C MET B 38 -18.07 4.25 5.86
N SER B 39 -18.43 2.96 5.91
CA SER B 39 -19.03 2.31 4.73
C SER B 39 -20.49 2.68 4.58
N ALA B 40 -21.12 3.17 5.66
CA ALA B 40 -22.58 3.44 5.69
C ALA B 40 -22.94 4.43 4.61
N GLY B 41 -23.90 4.04 3.78
CA GLY B 41 -24.42 4.86 2.74
C GLY B 41 -23.53 5.06 1.53
N MET B 42 -22.48 4.26 1.38
N MET B 42 -22.47 4.23 1.38
CA MET B 42 -21.62 4.51 0.27
CA MET B 42 -21.46 4.30 0.29
C MET B 42 -22.39 4.13 -0.99
C MET B 42 -22.14 4.02 -1.09
N PRO B 43 -22.35 5.00 -2.00
CA PRO B 43 -23.09 4.65 -3.20
C PRO B 43 -22.52 3.38 -3.89
N GLY B 44 -23.47 2.59 -4.37
CA GLY B 44 -23.16 1.39 -5.14
C GLY B 44 -22.92 0.18 -4.26
N LEU B 45 -22.61 0.34 -2.97
CA LEU B 45 -22.28 -0.79 -2.07
C LEU B 45 -23.56 -1.33 -1.46
N HIS B 46 -23.82 -2.60 -1.60
CA HIS B 46 -24.95 -3.16 -0.93
C HIS B 46 -24.69 -3.51 0.51
N LYS B 47 -23.51 -4.06 0.81
CA LYS B 47 -23.18 -4.48 2.18
C LYS B 47 -21.66 -4.52 2.30
N TYR B 48 -21.17 -4.17 3.51
CA TYR B 48 -19.79 -4.39 3.93
C TYR B 48 -19.80 -5.11 5.23
N GLU B 49 -18.89 -6.07 5.38
N GLU B 49 -18.86 -6.03 5.40
CA GLU B 49 -18.64 -6.77 6.65
CA GLU B 49 -18.66 -6.68 6.68
C GLU B 49 -17.15 -6.67 6.92
C GLU B 49 -17.16 -6.79 6.94
N VAL B 50 -16.78 -6.55 8.19
CA VAL B 50 -15.43 -6.74 8.67
C VAL B 50 -15.43 -7.50 9.99
N ARG B 51 -14.52 -8.46 10.07
CA ARG B 51 -14.40 -9.31 11.26
C ARG B 51 -12.94 -9.48 11.59
N LEU B 52 -12.60 -9.59 12.88
N LEU B 52 -12.62 -9.60 12.88
CA LEU B 52 -11.22 -9.99 13.21
CA LEU B 52 -11.25 -9.87 13.30
C LEU B 52 -10.99 -11.46 13.02
C LEU B 52 -10.98 -11.38 13.20
N VAL B 53 -9.75 -11.82 12.88
CA VAL B 53 -9.36 -13.18 12.99
C VAL B 53 -8.99 -13.42 14.45
N ALA B 54 -9.78 -14.23 15.14
CA ALA B 54 -9.60 -14.52 16.57
C ALA B 54 -8.89 -15.78 16.83
N GLY B 55 -8.91 -16.73 15.91
CA GLY B 55 -8.29 -18.01 16.13
C GLY B 55 -7.75 -18.57 14.88
N ASN B 56 -6.68 -19.34 15.00
CA ASN B 56 -6.01 -19.94 13.85
C ASN B 56 -5.73 -21.41 14.16
N PRO B 57 -6.79 -22.23 14.18
CA PRO B 57 -6.54 -23.65 14.51
C PRO B 57 -5.70 -24.35 13.39
N THR B 58 -4.74 -25.16 13.80
CA THR B 58 -3.83 -25.82 12.83
C THR B 58 -4.09 -27.33 12.75
N ASP B 59 -5.03 -27.81 13.57
CA ASP B 59 -5.36 -29.23 13.67
C ASP B 59 -6.42 -29.61 12.60
N THR B 60 -6.10 -29.27 11.35
CA THR B 60 -6.95 -29.60 10.22
C THR B 60 -6.82 -31.09 9.93
N HIS B 61 -7.90 -31.64 9.42
N HIS B 61 -7.88 -31.69 9.41
CA HIS B 61 -8.03 -33.05 9.02
CA HIS B 61 -7.82 -33.12 9.06
C HIS B 61 -7.31 -33.29 7.69
C HIS B 61 -7.54 -33.34 7.55
N VAL B 62 -7.25 -32.26 6.84
CA VAL B 62 -6.52 -32.35 5.58
C VAL B 62 -5.32 -31.43 5.84
N PRO B 63 -4.32 -31.43 4.95
CA PRO B 63 -3.10 -30.66 5.19
C PRO B 63 -3.38 -29.19 5.45
N TYR B 64 -2.79 -28.68 6.52
CA TYR B 64 -2.89 -27.25 6.87
C TYR B 64 -2.21 -26.34 5.87
N LEU B 65 -2.88 -25.25 5.50
CA LEU B 65 -2.33 -24.28 4.58
C LEU B 65 -1.88 -23.06 5.40
N ASP B 66 -0.58 -22.75 5.35
CA ASP B 66 -0.07 -21.58 6.09
C ASP B 66 -0.02 -20.42 5.12
N VAL B 67 -0.78 -19.36 5.40
CA VAL B 67 -0.76 -18.17 4.59
C VAL B 67 -0.19 -16.98 5.40
N GLY B 68 0.48 -17.30 6.49
CA GLY B 68 0.96 -16.26 7.40
C GLY B 68 -0.12 -15.69 8.29
N ARG B 69 0.10 -14.51 8.86
CA ARG B 69 -0.81 -13.94 9.83
C ARG B 69 -1.75 -12.98 9.12
N ILE B 70 -3.04 -13.32 9.19
CA ILE B 70 -4.10 -12.44 8.70
C ILE B 70 -4.83 -11.88 9.92
N ASP B 71 -5.04 -10.57 9.96
CA ASP B 71 -5.65 -9.90 11.10
C ASP B 71 -7.13 -9.70 11.03
N ALA B 72 -7.68 -9.54 9.81
CA ALA B 72 -9.13 -9.30 9.67
C ALA B 72 -9.56 -9.80 8.30
N ILE B 73 -10.87 -9.98 8.20
CA ILE B 73 -11.48 -10.40 6.92
CA ILE B 73 -11.55 -10.45 6.97
C ILE B 73 -12.55 -9.40 6.61
N GLY B 74 -12.50 -8.85 5.40
CA GLY B 74 -13.52 -7.91 4.95
C GLY B 74 -14.31 -8.52 3.78
N GLU B 75 -15.48 -7.98 3.55
CA GLU B 75 -16.24 -8.48 2.39
C GLU B 75 -17.18 -7.40 1.94
N CYS B 76 -17.31 -7.28 0.59
CA CYS B 76 -18.22 -6.35 -0.06
C CYS B 76 -19.18 -7.05 -0.98
N TRP B 77 -20.43 -6.61 -0.90
CA TRP B 77 -21.49 -7.08 -1.82
C TRP B 77 -21.92 -5.96 -2.70
N PHE B 78 -22.03 -6.27 -4.00
CA PHE B 78 -22.54 -5.28 -5.00
C PHE B 78 -23.66 -5.92 -5.75
N ALA B 79 -24.82 -5.23 -5.88
CA ALA B 79 -25.98 -5.85 -6.46
C ALA B 79 -25.90 -6.07 -7.96
N SER B 80 -25.06 -5.33 -8.63
CA SER B 80 -24.98 -5.44 -10.11
C SER B 80 -23.68 -4.82 -10.53
N GLU B 81 -23.29 -5.01 -11.80
CA GLU B 81 -22.10 -4.43 -12.39
CA GLU B 81 -22.03 -4.44 -12.24
C GLU B 81 -22.18 -2.92 -12.37
N GLU B 82 -23.38 -2.41 -12.66
CA GLU B 82 -23.54 -0.93 -12.71
C GLU B 82 -23.35 -0.31 -11.30
N GLN B 83 -23.85 -1.03 -10.28
CA GLN B 83 -23.66 -0.54 -8.93
C GLN B 83 -22.21 -0.60 -8.51
N TYR B 84 -21.46 -1.63 -8.91
CA TYR B 84 -20.03 -1.66 -8.71
C TYR B 84 -19.34 -0.45 -9.33
N GLN B 85 -19.78 -0.07 -10.53
CA GLN B 85 -19.16 1.11 -11.15
C GLN B 85 -19.52 2.39 -10.46
N VAL B 86 -20.75 2.52 -9.94
CA VAL B 86 -21.14 3.69 -9.13
C VAL B 86 -20.19 3.82 -7.93
N TYR B 87 -20.01 2.71 -7.21
CA TYR B 87 -19.02 2.67 -6.12
C TYR B 87 -17.63 3.04 -6.60
N MET B 88 -17.14 2.46 -7.69
CA MET B 88 -15.78 2.76 -8.15
CA MET B 88 -15.79 2.77 -8.18
C MET B 88 -15.60 4.25 -8.44
N GLU B 89 -16.67 4.94 -8.86
CA GLU B 89 -16.55 6.38 -9.19
C GLU B 89 -16.88 7.32 -8.01
N SER B 90 -17.32 6.81 -6.87
CA SER B 90 -17.80 7.68 -5.80
C SER B 90 -16.62 8.33 -5.05
N ASP B 91 -16.61 9.66 -4.95
CA ASP B 91 -15.46 10.21 -4.17
C ASP B 91 -15.52 9.73 -2.70
N ILE B 92 -16.71 9.32 -2.28
N ILE B 92 -16.70 9.33 -2.26
CA ILE B 92 -16.94 8.70 -0.99
CA ILE B 92 -16.88 8.88 -0.90
C ILE B 92 -16.12 7.41 -0.81
C ILE B 92 -16.36 7.44 -0.66
N ARG B 93 -16.13 6.53 -1.83
N ARG B 93 -16.20 6.68 -1.75
CA ARG B 93 -15.23 5.40 -1.81
CA ARG B 93 -15.33 5.52 -1.74
C ARG B 93 -13.79 5.87 -1.72
C ARG B 93 -13.86 5.94 -1.65
N LYS B 94 -13.48 6.97 -2.39
CA LYS B 94 -12.15 7.54 -2.28
C LYS B 94 -11.77 7.96 -0.84
N ALA B 95 -12.72 8.57 -0.10
CA ALA B 95 -12.57 8.90 1.32
C ALA B 95 -12.31 7.62 2.13
N TRP B 96 -13.11 6.60 1.83
CA TRP B 96 -12.99 5.31 2.54
C TRP B 96 -11.62 4.71 2.30
N PHE B 97 -11.14 4.70 1.05
CA PHE B 97 -9.82 4.17 0.79
C PHE B 97 -8.70 4.98 1.47
N GLU B 98 -8.91 6.28 1.68
CA GLU B 98 -7.87 7.03 2.41
C GLU B 98 -7.75 6.51 3.86
N HIS B 99 -8.90 6.21 4.47
CA HIS B 99 -8.85 5.54 5.78
C HIS B 99 -8.18 4.18 5.70
N GLY B 100 -8.50 3.44 4.63
CA GLY B 100 -7.84 2.20 4.40
C GLY B 100 -6.33 2.27 4.42
N LYS B 101 -5.78 3.35 3.88
CA LYS B 101 -4.31 3.51 3.87
C LYS B 101 -3.72 3.63 5.26
N TYR B 102 -4.51 4.14 6.19
CA TYR B 102 -4.08 4.26 7.57
C TYR B 102 -4.01 2.92 8.29
N PHE B 103 -4.99 2.03 8.10
CA PHE B 103 -5.06 0.85 8.95
C PHE B 103 -4.92 -0.50 8.22
N ILE B 104 -4.85 -0.46 6.89
CA ILE B 104 -4.59 -1.71 6.13
C ILE B 104 -3.16 -1.76 5.62
N GLY B 105 -2.36 -2.62 6.22
CA GLY B 105 -0.98 -2.73 5.82
C GLY B 105 -0.83 -3.45 4.50
N GLN B 106 -1.54 -4.57 4.39
CA GLN B 106 -1.50 -5.42 3.17
C GLN B 106 -2.90 -6.00 2.97
N LEU B 107 -3.23 -6.22 1.70
CA LEU B 107 -4.62 -6.61 1.30
C LEU B 107 -4.54 -7.68 0.22
N LYS B 108 -5.32 -8.74 0.40
CA LYS B 108 -5.53 -9.77 -0.62
C LYS B 108 -7.02 -9.81 -0.99
N PRO B 109 -7.43 -9.39 -2.18
CA PRO B 109 -8.86 -9.53 -2.61
C PRO B 109 -9.10 -10.84 -3.35
N PHE B 110 -10.25 -11.44 -3.12
CA PHE B 110 -10.73 -12.56 -3.91
C PHE B 110 -12.09 -12.22 -4.47
N VAL B 111 -12.25 -12.23 -5.79
CA VAL B 111 -13.59 -12.12 -6.38
C VAL B 111 -14.17 -13.49 -6.37
N THR B 112 -15.31 -13.68 -5.73
CA THR B 112 -15.88 -15.01 -5.56
C THR B 112 -16.97 -15.29 -6.59
N GLU B 113 -17.30 -16.56 -6.77
CA GLU B 113 -18.39 -16.98 -7.66
C GLU B 113 -19.26 -17.94 -6.84
N GLU B 114 -20.56 -17.67 -6.82
N GLU B 114 -20.57 -17.67 -6.79
CA GLU B 114 -21.49 -18.53 -6.16
CA GLU B 114 -21.53 -18.53 -6.08
C GLU B 114 -21.75 -19.74 -7.04
C GLU B 114 -21.95 -19.68 -7.00
N LEU B 115 -22.11 -20.82 -6.36
CA LEU B 115 -22.23 -22.11 -7.07
C LEU B 115 -23.62 -22.65 -6.98
N VAL B 116 -24.45 -22.07 -6.11
CA VAL B 116 -25.83 -22.51 -5.86
C VAL B 116 -26.71 -21.24 -5.68
N GLU C 7 -22.81 -8.81 20.85
CA GLU C 7 -22.70 -10.01 21.74
C GLU C 7 -23.74 -11.09 21.40
N GLY C 8 -23.50 -12.31 21.93
CA GLY C 8 -24.34 -13.49 21.67
C GLY C 8 -24.43 -13.85 20.20
N ARG C 9 -23.35 -13.55 19.46
CA ARG C 9 -23.35 -13.67 18.01
C ARG C 9 -23.10 -15.12 17.58
N MET C 10 -23.37 -15.41 16.31
CA MET C 10 -23.06 -16.70 15.76
C MET C 10 -21.54 -16.88 15.74
N ILE C 11 -21.08 -18.07 16.02
CA ILE C 11 -19.70 -18.50 15.82
C ILE C 11 -19.52 -18.75 14.29
N ARG C 12 -18.52 -18.12 13.69
CA ARG C 12 -18.23 -18.29 12.24
C ARG C 12 -16.78 -18.66 12.01
N ILE C 13 -16.55 -19.63 11.13
CA ILE C 13 -15.23 -20.08 10.76
C ILE C 13 -15.19 -19.98 9.26
N LEU C 14 -14.24 -19.19 8.75
N LEU C 14 -14.20 -19.23 8.77
CA LEU C 14 -14.04 -19.04 7.29
CA LEU C 14 -13.92 -19.04 7.33
C LEU C 14 -12.79 -19.82 6.86
C LEU C 14 -12.85 -20.02 6.95
N TYR C 15 -12.90 -20.49 5.71
CA TYR C 15 -11.87 -21.41 5.23
C TYR C 15 -11.35 -21.04 3.85
N LEU C 16 -10.03 -21.06 3.67
CA LEU C 16 -9.46 -21.05 2.33
C LEU C 16 -9.19 -22.48 1.91
N LEU C 17 -9.67 -22.85 0.72
N LEU C 17 -9.68 -22.87 0.74
CA LEU C 17 -9.61 -24.24 0.18
CA LEU C 17 -9.49 -24.23 0.23
C LEU C 17 -8.72 -24.28 -1.06
C LEU C 17 -8.60 -24.19 -1.00
N VAL C 18 -7.70 -25.15 -1.06
CA VAL C 18 -6.89 -25.39 -2.27
C VAL C 18 -7.20 -26.81 -2.70
N LYS C 19 -7.54 -27.01 -3.97
CA LYS C 19 -7.89 -28.34 -4.46
C LYS C 19 -6.68 -29.27 -4.47
N PRO C 20 -6.94 -30.57 -4.53
CA PRO C 20 -5.79 -31.49 -4.71
C PRO C 20 -5.21 -31.30 -6.10
N GLU C 21 -3.90 -31.48 -6.17
CA GLU C 21 -3.24 -31.29 -7.47
C GLU C 21 -3.80 -32.26 -8.52
N SER C 22 -4.22 -33.45 -8.11
CA SER C 22 -4.69 -34.47 -9.02
C SER C 22 -6.13 -34.29 -9.50
N MET C 23 -6.84 -33.31 -8.92
CA MET C 23 -8.19 -33.11 -9.29
C MET C 23 -8.31 -31.88 -10.23
N SER C 24 -9.10 -32.04 -11.28
CA SER C 24 -9.22 -30.93 -12.23
C SER C 24 -10.05 -29.80 -11.61
N HIS C 25 -9.90 -28.60 -12.10
CA HIS C 25 -10.72 -27.51 -11.64
C HIS C 25 -12.19 -27.82 -11.80
N GLU C 26 -12.63 -28.41 -12.93
CA GLU C 26 -14.03 -28.71 -13.08
C GLU C 26 -14.53 -29.74 -12.06
N GLN C 27 -13.74 -30.77 -11.82
CA GLN C 27 -14.15 -31.80 -10.82
C GLN C 27 -14.24 -31.13 -9.45
N PHE C 28 -13.32 -30.23 -9.17
CA PHE C 28 -13.32 -29.55 -7.85
C PHE C 28 -14.57 -28.75 -7.70
N ARG C 29 -14.95 -28.00 -8.73
N ARG C 29 -15.03 -28.03 -8.72
CA ARG C 29 -16.21 -27.29 -8.74
CA ARG C 29 -16.29 -27.28 -8.64
C ARG C 29 -17.33 -28.22 -8.38
C ARG C 29 -17.46 -28.20 -8.39
N LYS C 30 -17.49 -29.33 -9.09
CA LYS C 30 -18.61 -30.21 -8.82
CA LYS C 30 -18.55 -30.30 -8.87
C LYS C 30 -18.55 -30.79 -7.40
N GLU C 31 -17.35 -31.06 -6.88
CA GLU C 31 -17.28 -31.55 -5.47
C GLU C 31 -17.62 -30.47 -4.47
N CYS C 32 -17.38 -29.21 -4.77
CA CYS C 32 -17.83 -28.12 -3.89
C CYS C 32 -19.36 -28.14 -3.79
N VAL C 33 -20.05 -28.34 -4.92
CA VAL C 33 -21.49 -28.38 -4.93
C VAL C 33 -21.99 -29.59 -4.12
N VAL C 34 -21.34 -30.74 -4.34
CA VAL C 34 -21.72 -31.97 -3.56
C VAL C 34 -21.51 -31.64 -2.07
N HIS C 35 -20.40 -31.01 -1.71
CA HIS C 35 -20.13 -30.69 -0.32
C HIS C 35 -21.24 -29.82 0.29
N PHE C 36 -21.69 -28.83 -0.48
CA PHE C 36 -22.80 -28.02 -0.03
C PHE C 36 -24.10 -28.84 0.16
N GLN C 37 -24.40 -29.67 -0.84
CA GLN C 37 -25.63 -30.48 -0.75
C GLN C 37 -25.57 -31.43 0.44
N MET C 38 -24.41 -31.99 0.74
CA MET C 38 -24.23 -32.85 1.92
C MET C 38 -24.55 -32.15 3.20
N SER C 39 -24.28 -30.86 3.26
CA SER C 39 -24.32 -30.10 4.50
C SER C 39 -25.76 -29.83 4.97
N ALA C 40 -26.79 -30.04 4.13
CA ALA C 40 -28.15 -29.68 4.49
C ALA C 40 -28.53 -30.41 5.78
N GLY C 41 -29.07 -29.67 6.72
CA GLY C 41 -29.55 -30.31 7.98
C GLY C 41 -28.49 -30.92 8.81
N MET C 42 -27.24 -30.53 8.62
N MET C 42 -27.22 -30.60 8.65
CA MET C 42 -26.10 -31.01 9.38
CA MET C 42 -26.17 -31.26 9.45
C MET C 42 -26.38 -30.72 10.90
C MET C 42 -26.29 -30.82 10.90
N PRO C 43 -26.24 -31.74 11.81
CA PRO C 43 -26.39 -31.38 13.23
C PRO C 43 -25.42 -30.26 13.67
N GLY C 44 -26.03 -29.33 14.43
CA GLY C 44 -25.28 -28.20 15.00
C GLY C 44 -24.92 -27.10 14.01
N LEU C 45 -25.09 -27.29 12.71
CA LEU C 45 -24.62 -26.31 11.71
C LEU C 45 -25.76 -25.37 11.37
N HIS C 46 -25.59 -24.10 11.54
CA HIS C 46 -26.61 -23.19 11.17
C HIS C 46 -26.60 -22.92 9.64
N LYS C 47 -25.41 -22.90 9.03
N LYS C 47 -25.41 -22.75 9.04
CA LYS C 47 -25.28 -22.58 7.60
CA LYS C 47 -25.30 -22.39 7.59
C LYS C 47 -23.89 -22.97 7.19
C LYS C 47 -23.90 -22.86 7.17
N TYR C 48 -23.79 -23.38 5.93
CA TYR C 48 -22.52 -23.63 5.25
C TYR C 48 -22.62 -22.91 3.92
N GLU C 49 -21.54 -22.26 3.50
CA GLU C 49 -21.40 -21.65 2.17
C GLU C 49 -20.07 -22.00 1.60
N VAL C 50 -20.05 -22.30 0.32
CA VAL C 50 -18.80 -22.49 -0.44
C VAL C 50 -18.91 -21.78 -1.78
N ARG C 51 -17.84 -21.09 -2.13
CA ARG C 51 -17.79 -20.25 -3.33
C ARG C 51 -16.45 -20.47 -3.99
N LEU C 52 -16.42 -20.42 -5.35
CA LEU C 52 -15.13 -20.43 -6.02
C LEU C 52 -14.44 -19.09 -5.94
N VAL C 53 -13.12 -19.10 -5.99
CA VAL C 53 -12.34 -17.90 -6.29
C VAL C 53 -12.32 -17.72 -7.82
N ALA C 54 -12.92 -16.67 -8.30
CA ALA C 54 -13.07 -16.42 -9.78
C ALA C 54 -12.05 -15.42 -10.24
N GLY C 55 -11.58 -14.53 -9.38
CA GLY C 55 -10.66 -13.48 -9.80
C GLY C 55 -9.74 -13.08 -8.67
N ASN C 56 -8.55 -12.61 -9.03
CA ASN C 56 -7.51 -12.27 -8.10
C ASN C 56 -6.94 -10.93 -8.52
N PRO C 57 -7.73 -9.88 -8.33
CA PRO C 57 -7.19 -8.55 -8.76
C PRO C 57 -6.01 -8.10 -7.89
N THR C 58 -5.08 -7.31 -8.44
CA THR C 58 -3.88 -6.95 -7.68
C THR C 58 -3.75 -5.44 -7.54
N ASP C 59 -4.68 -4.69 -8.11
CA ASP C 59 -4.63 -3.22 -8.03
C ASP C 59 -5.17 -2.71 -6.68
N THR C 60 -4.48 -3.10 -5.60
CA THR C 60 -4.94 -2.86 -4.24
C THR C 60 -4.62 -1.47 -3.68
N HIS C 61 -3.72 -0.75 -4.37
CA HIS C 61 -3.28 0.60 -3.90
C HIS C 61 -2.39 0.50 -2.68
N VAL C 62 -2.97 0.05 -1.56
CA VAL C 62 -2.13 -0.41 -0.44
C VAL C 62 -1.39 -1.65 -0.90
N PRO C 63 -0.32 -2.02 -0.20
CA PRO C 63 0.43 -3.21 -0.63
C PRO C 63 -0.42 -4.49 -0.85
N TYR C 64 -0.19 -5.14 -1.96
CA TYR C 64 -0.83 -6.40 -2.27
C TYR C 64 -0.23 -7.56 -1.48
N LEU C 65 -1.07 -8.39 -0.87
CA LEU C 65 -0.65 -9.58 -0.18
C LEU C 65 -0.77 -10.84 -1.03
N ASP C 66 0.33 -11.48 -1.41
CA ASP C 66 0.24 -12.69 -2.22
C ASP C 66 0.18 -13.90 -1.29
N VAL C 67 -0.91 -14.66 -1.34
CA VAL C 67 -1.12 -15.83 -0.52
C VAL C 67 -1.06 -17.11 -1.36
N GLY C 68 -0.64 -16.99 -2.61
CA GLY C 68 -0.68 -18.12 -3.52
C GLY C 68 -2.07 -18.32 -4.10
N ARG C 69 -2.29 -19.50 -4.67
CA ARG C 69 -3.53 -19.78 -5.38
C ARG C 69 -4.54 -20.45 -4.44
N ILE C 70 -5.63 -19.74 -4.21
CA ILE C 70 -6.73 -20.29 -3.40
C ILE C 70 -7.86 -20.62 -4.36
N ASP C 71 -8.44 -21.80 -4.25
CA ASP C 71 -9.46 -22.24 -5.20
C ASP C 71 -10.89 -21.96 -4.78
N ALA C 72 -11.18 -21.99 -3.47
CA ALA C 72 -12.55 -21.74 -3.01
C ALA C 72 -12.49 -21.19 -1.61
N ILE C 73 -13.62 -20.62 -1.20
CA ILE C 73 -13.77 -20.09 0.16
C ILE C 73 -14.95 -20.83 0.76
N GLY C 74 -14.76 -21.45 1.93
CA GLY C 74 -15.86 -22.10 2.68
C GLY C 74 -16.13 -21.31 3.96
N GLU C 75 -17.33 -21.47 4.51
CA GLU C 75 -17.68 -20.76 5.75
C GLU C 75 -18.74 -21.57 6.44
N CYS C 76 -18.58 -21.71 7.78
CA CYS C 76 -19.55 -22.36 8.66
C CYS C 76 -20.06 -21.39 9.69
N TRP C 77 -21.34 -21.44 10.00
CA TRP C 77 -21.98 -20.67 11.06
C TRP C 77 -22.55 -21.65 12.10
N PHE C 78 -22.35 -21.35 13.39
CA PHE C 78 -22.95 -22.14 14.49
C PHE C 78 -23.64 -21.17 15.40
N ALA C 79 -24.85 -21.47 15.85
CA ALA C 79 -25.67 -20.52 16.62
C ALA C 79 -25.18 -20.38 18.03
N SER C 80 -24.42 -21.31 18.56
CA SER C 80 -24.02 -21.31 20.02
C SER C 80 -22.89 -22.29 20.18
N GLU C 81 -22.17 -22.23 21.32
CA GLU C 81 -21.15 -23.22 21.58
CA GLU C 81 -21.19 -23.19 21.68
C GLU C 81 -21.75 -24.62 21.75
N GLU C 82 -22.99 -24.71 22.25
CA GLU C 82 -23.58 -26.06 22.37
C GLU C 82 -23.80 -26.64 20.93
N GLN C 83 -24.24 -25.81 19.98
CA GLN C 83 -24.44 -26.31 18.60
CA GLN C 83 -24.43 -26.33 18.63
C GLN C 83 -23.09 -26.73 18.01
N TYR C 84 -22.01 -25.97 18.30
CA TYR C 84 -20.73 -26.41 17.85
C TYR C 84 -20.31 -27.75 18.39
N GLN C 85 -20.61 -27.98 19.68
CA GLN C 85 -20.29 -29.31 20.23
C GLN C 85 -21.14 -30.43 19.60
N VAL C 86 -22.41 -30.14 19.37
CA VAL C 86 -23.26 -31.11 18.67
C VAL C 86 -22.67 -31.47 17.31
N TYR C 87 -22.25 -30.43 16.59
CA TYR C 87 -21.61 -30.61 15.25
C TYR C 87 -20.35 -31.45 15.36
N MET C 88 -19.44 -31.16 16.30
N MET C 88 -19.52 -31.07 16.34
CA MET C 88 -18.22 -31.98 16.35
CA MET C 88 -18.28 -31.76 16.57
C MET C 88 -18.52 -33.45 16.72
C MET C 88 -18.43 -33.26 16.91
N GLU C 89 -19.57 -33.64 17.53
CA GLU C 89 -19.87 -35.04 17.93
C GLU C 89 -20.52 -35.84 16.79
N SER C 90 -20.98 -35.20 15.72
CA SER C 90 -21.88 -35.88 14.75
C SER C 90 -21.22 -36.84 13.79
N ASP C 91 -21.80 -38.02 13.67
CA ASP C 91 -21.31 -39.02 12.70
C ASP C 91 -21.43 -38.47 11.26
N ILE C 92 -22.49 -37.80 10.94
CA ILE C 92 -22.62 -37.31 9.52
C ILE C 92 -21.61 -36.19 9.29
N ARG C 93 -21.28 -35.37 10.30
CA ARG C 93 -20.18 -34.39 10.12
C ARG C 93 -18.89 -35.11 9.86
N LYS C 94 -18.60 -36.19 10.60
CA LYS C 94 -17.36 -36.90 10.33
C LYS C 94 -17.33 -37.49 8.92
N ALA C 95 -18.47 -37.97 8.43
CA ALA C 95 -18.56 -38.48 7.02
C ALA C 95 -18.37 -37.33 6.02
N TRP C 96 -18.94 -36.16 6.33
CA TRP C 96 -18.77 -34.96 5.49
C TRP C 96 -17.30 -34.63 5.41
N PHE C 97 -16.58 -34.64 6.53
CA PHE C 97 -15.16 -34.39 6.51
C PHE C 97 -14.41 -35.44 5.72
N GLU C 98 -14.88 -36.69 5.62
CA GLU C 98 -14.23 -37.63 4.73
C GLU C 98 -14.37 -37.23 3.26
N HIS C 99 -15.53 -36.69 2.89
CA HIS C 99 -15.68 -36.06 1.58
C HIS C 99 -14.71 -34.89 1.39
N GLY C 100 -14.50 -34.10 2.42
CA GLY C 100 -13.51 -33.05 2.39
C GLY C 100 -12.11 -33.58 2.11
N LYS C 101 -11.74 -34.72 2.69
CA LYS C 101 -10.42 -35.25 2.43
C LYS C 101 -10.25 -35.61 0.96
N TYR C 102 -11.35 -35.93 0.28
CA TYR C 102 -11.29 -36.22 -1.17
C TYR C 102 -11.07 -34.98 -2.01
N PHE C 103 -11.76 -33.86 -1.70
CA PHE C 103 -11.72 -32.73 -2.66
C PHE C 103 -10.96 -31.53 -2.16
N ILE C 104 -10.46 -31.56 -0.92
CA ILE C 104 -9.74 -30.41 -0.39
C ILE C 104 -8.31 -30.85 -0.17
N GLY C 105 -7.38 -30.33 -0.94
CA GLY C 105 -5.95 -30.67 -0.78
C GLY C 105 -5.26 -29.98 0.38
N GLN C 106 -5.64 -28.73 0.64
CA GLN C 106 -5.06 -27.99 1.74
C GLN C 106 -6.12 -27.03 2.23
N LEU C 107 -6.08 -26.69 3.51
CA LEU C 107 -7.13 -25.88 4.15
C LEU C 107 -6.55 -24.93 5.16
N LYS C 108 -7.04 -23.67 5.19
CA LYS C 108 -6.66 -22.65 6.23
C LYS C 108 -7.96 -22.23 6.88
N PRO C 109 -8.17 -22.57 8.16
CA PRO C 109 -9.32 -22.03 8.91
C PRO C 109 -9.04 -20.72 9.62
N PHE C 110 -10.00 -19.81 9.64
CA PHE C 110 -9.98 -18.61 10.45
C PHE C 110 -11.18 -18.59 11.33
N VAL C 111 -11.04 -18.65 12.65
CA VAL C 111 -12.17 -18.40 13.51
C VAL C 111 -12.35 -16.90 13.63
N THR C 112 -13.47 -16.34 13.28
CA THR C 112 -13.66 -14.92 13.26
C THR C 112 -14.35 -14.35 14.51
N GLU C 113 -14.24 -13.05 14.67
CA GLU C 113 -14.91 -12.34 15.76
C GLU C 113 -15.65 -11.18 15.18
N GLU C 114 -16.92 -11.02 15.52
CA GLU C 114 -17.70 -9.85 15.15
C GLU C 114 -17.26 -8.60 15.88
N LEU C 115 -17.30 -7.51 15.15
CA LEU C 115 -16.85 -6.21 15.65
C LEU C 115 -17.96 -5.21 15.79
N VAL C 116 -19.07 -5.42 15.08
CA VAL C 116 -20.19 -4.50 15.09
C VAL C 116 -21.45 -5.33 15.07
N GLY D 8 24.91 18.94 -22.14
CA GLY D 8 24.10 19.83 -21.26
C GLY D 8 24.22 19.32 -19.84
N ARG D 9 23.08 19.12 -19.19
CA ARG D 9 23.11 18.74 -17.79
C ARG D 9 23.00 17.21 -17.61
N MET D 10 23.32 16.77 -16.41
CA MET D 10 23.16 15.38 -16.08
C MET D 10 21.68 15.03 -16.03
N ILE D 11 21.34 13.81 -16.48
CA ILE D 11 20.02 13.21 -16.26
C ILE D 11 19.90 12.85 -14.78
N ARG D 12 18.79 13.24 -14.17
CA ARG D 12 18.53 12.97 -12.75
C ARG D 12 17.17 12.36 -12.58
N ILE D 13 17.13 11.30 -11.79
CA ILE D 13 15.86 10.63 -11.49
C ILE D 13 15.77 10.56 -9.97
N LEU D 14 14.70 11.14 -9.44
N LEU D 14 14.69 11.08 -9.43
CA LEU D 14 14.41 11.08 -8.01
CA LEU D 14 14.49 11.09 -7.98
C LEU D 14 13.45 9.94 -7.73
C LEU D 14 13.36 10.13 -7.63
N TYR D 15 13.59 9.35 -6.56
CA TYR D 15 12.71 8.21 -6.18
C TYR D 15 12.16 8.38 -4.78
N LEU D 16 10.86 8.17 -4.63
CA LEU D 16 10.22 8.01 -3.31
C LEU D 16 10.14 6.55 -2.98
N LEU D 17 10.70 6.14 -1.86
CA LEU D 17 10.75 4.71 -1.46
CA LEU D 17 10.75 4.72 -1.47
C LEU D 17 9.91 4.46 -0.23
N VAL D 18 9.12 3.39 -0.29
CA VAL D 18 8.32 2.91 0.87
C VAL D 18 8.84 1.51 1.16
N LYS D 19 9.16 1.21 2.42
CA LYS D 19 9.68 -0.09 2.79
C LYS D 19 8.54 -1.15 2.76
N PRO D 20 8.96 -2.41 2.58
CA PRO D 20 8.00 -3.55 2.61
C PRO D 20 7.36 -3.64 3.98
N GLU D 21 6.07 -4.06 3.98
CA GLU D 21 5.37 -4.28 5.25
C GLU D 21 5.93 -5.40 6.06
N SER D 22 6.71 -6.28 5.46
CA SER D 22 7.35 -7.35 6.19
C SER D 22 8.63 -6.91 6.88
N MET D 23 9.00 -5.63 6.69
CA MET D 23 10.29 -5.16 7.19
C MET D 23 10.12 -4.06 8.23
N SER D 24 10.96 -4.11 9.26
CA SER D 24 10.97 -3.04 10.24
C SER D 24 11.68 -1.81 9.73
N HIS D 25 11.43 -0.67 10.34
CA HIS D 25 12.16 0.56 10.02
CA HIS D 25 12.15 0.54 9.97
C HIS D 25 13.64 0.37 10.11
N GLU D 26 14.14 -0.38 11.11
N GLU D 26 14.11 -0.22 11.20
CA GLU D 26 15.57 -0.65 11.27
CA GLU D 26 15.52 -0.27 11.39
C GLU D 26 16.13 -1.57 10.19
C GLU D 26 16.17 -1.18 10.34
N GLN D 27 15.36 -2.55 9.77
N GLN D 27 15.56 -2.32 10.01
CA GLN D 27 15.81 -3.45 8.72
CA GLN D 27 16.11 -3.18 8.93
C GLN D 27 15.94 -2.69 7.44
C GLN D 27 16.12 -2.42 7.62
N PHE D 28 15.03 -1.77 7.26
CA PHE D 28 15.02 -0.94 6.03
C PHE D 28 16.19 0.01 6.00
N ARG D 29 16.53 0.66 7.11
N ARG D 29 16.46 0.70 7.10
CA ARG D 29 17.69 1.55 7.13
CA ARG D 29 17.59 1.62 7.15
C ARG D 29 18.91 0.77 6.69
C ARG D 29 18.92 0.90 6.87
N LYS D 30 19.10 -0.36 7.32
CA LYS D 30 20.33 -1.15 7.06
C LYS D 30 20.33 -1.50 5.60
N GLU D 31 19.20 -1.85 5.00
CA GLU D 31 19.20 -2.21 3.55
C GLU D 31 19.43 -0.99 2.66
N CYS D 32 19.04 0.20 3.09
CA CYS D 32 19.36 1.40 2.32
C CYS D 32 20.88 1.53 2.26
N VAL D 33 21.59 1.31 3.38
CA VAL D 33 23.05 1.44 3.41
C VAL D 33 23.63 0.36 2.51
N VAL D 34 23.14 -0.86 2.54
CA VAL D 34 23.63 -1.91 1.65
C VAL D 34 23.42 -1.48 0.20
N HIS D 35 22.26 -0.92 -0.11
CA HIS D 35 21.97 -0.54 -1.51
C HIS D 35 22.95 0.52 -1.96
N PHE D 36 23.26 1.47 -1.09
CA PHE D 36 24.27 2.46 -1.43
C PHE D 36 25.64 1.82 -1.68
N GLN D 37 26.07 0.95 -0.79
N GLN D 37 26.06 0.93 -0.79
CA GLN D 37 27.35 0.26 -0.97
CA GLN D 37 27.35 0.21 -0.98
C GLN D 37 27.40 -0.51 -2.29
C GLN D 37 27.39 -0.50 -2.32
N MET D 38 26.31 -1.17 -2.67
CA MET D 38 26.27 -1.95 -3.88
C MET D 38 26.47 -1.07 -5.11
N SER D 39 26.00 0.16 -5.05
CA SER D 39 26.02 1.08 -6.21
C SER D 39 27.39 1.56 -6.61
N ALA D 40 28.40 1.43 -5.75
CA ALA D 40 29.73 1.98 -6.05
C ALA D 40 30.22 1.44 -7.39
N GLY D 41 30.61 2.32 -8.27
CA GLY D 41 31.21 1.87 -9.53
C GLY D 41 30.24 1.21 -10.46
N MET D 42 28.94 1.48 -10.31
N MET D 42 28.94 1.44 -10.31
CA MET D 42 27.86 0.96 -11.14
CA MET D 42 27.99 0.84 -11.21
C MET D 42 28.02 1.45 -12.61
C MET D 42 28.22 1.44 -12.58
N PRO D 43 28.14 0.55 -13.59
CA PRO D 43 28.28 1.02 -14.99
C PRO D 43 27.22 2.09 -15.34
N GLY D 44 27.70 3.12 -16.00
CA GLY D 44 26.81 4.16 -16.50
C GLY D 44 26.31 5.13 -15.46
N LEU D 45 26.46 4.85 -14.15
CA LEU D 45 25.93 5.72 -13.13
C LEU D 45 26.95 6.75 -12.69
N HIS D 46 26.58 8.01 -12.61
CA HIS D 46 27.46 9.00 -12.11
C HIS D 46 27.47 9.07 -10.58
N LYS D 47 26.28 8.97 -9.98
CA LYS D 47 26.12 9.15 -8.51
C LYS D 47 24.78 8.48 -8.16
N TYR D 48 24.73 7.91 -6.94
CA TYR D 48 23.50 7.43 -6.27
C TYR D 48 23.51 8.03 -4.90
N GLU D 49 22.37 8.48 -4.46
CA GLU D 49 22.21 8.94 -3.09
C GLU D 49 20.93 8.35 -2.54
N VAL D 50 20.97 7.94 -1.27
CA VAL D 50 19.79 7.53 -0.56
C VAL D 50 19.81 8.14 0.85
N ARG D 51 18.66 8.66 1.25
CA ARG D 51 18.45 9.39 2.53
CA ARG D 51 18.52 9.27 2.59
C ARG D 51 17.18 8.91 3.16
N LEU D 52 17.15 8.79 4.49
CA LEU D 52 15.88 8.53 5.15
C LEU D 52 15.04 9.77 5.20
N VAL D 53 13.73 9.60 5.25
CA VAL D 53 12.82 10.69 5.66
C VAL D 53 12.78 10.71 7.19
N ALA D 54 13.25 11.80 7.79
CA ALA D 54 13.38 11.90 9.27
C ALA D 54 12.27 12.70 9.82
N GLY D 55 11.70 13.59 9.01
CA GLY D 55 10.62 14.47 9.50
C GLY D 55 9.64 14.82 8.43
N ASN D 56 8.40 15.08 8.87
CA ASN D 56 7.29 15.37 8.01
C ASN D 56 6.58 16.58 8.56
N PRO D 57 7.21 17.75 8.42
CA PRO D 57 6.54 18.93 8.99
C PRO D 57 5.26 19.26 8.22
N THR D 58 4.26 19.82 8.92
CA THR D 58 2.99 20.20 8.26
C THR D 58 2.67 21.70 8.35
N ASP D 59 3.57 22.44 8.98
CA ASP D 59 3.45 23.90 9.14
C ASP D 59 3.75 24.64 7.82
N THR D 60 3.10 24.23 6.73
CA THR D 60 3.51 24.64 5.36
C THR D 60 3.14 26.06 4.84
N HIS D 61 2.11 26.69 5.41
CA HIS D 61 1.53 27.97 4.89
C HIS D 61 0.72 27.81 3.59
N VAL D 62 1.36 27.31 2.53
CA VAL D 62 0.62 26.85 1.34
C VAL D 62 -0.06 25.51 1.71
N PRO D 63 -1.12 25.11 0.98
CA PRO D 63 -1.83 23.87 1.34
C PRO D 63 -0.88 22.65 1.42
N TYR D 64 -1.03 21.88 2.49
CA TYR D 64 -0.18 20.70 2.71
C TYR D 64 -0.56 19.56 1.77
N LEU D 65 0.42 18.91 1.16
CA LEU D 65 0.12 17.78 0.28
C LEU D 65 0.43 16.46 1.03
N ASP D 66 -0.57 15.59 1.13
CA ASP D 66 -0.38 14.31 1.84
C ASP D 66 -0.15 13.27 0.77
N VAL D 67 1.03 12.65 0.80
CA VAL D 67 1.40 11.60 -0.15
C VAL D 67 1.59 10.29 0.61
N GLY D 68 1.12 10.23 1.84
CA GLY D 68 1.30 9.02 2.63
C GLY D 68 2.67 8.97 3.27
N ARG D 69 3.07 7.80 3.76
CA ARG D 69 4.34 7.68 4.46
C ARG D 69 5.40 7.28 3.47
N ILE D 70 6.39 8.15 3.31
CA ILE D 70 7.53 7.85 2.46
C ILE D 70 8.70 7.58 3.41
N ASP D 71 9.42 6.49 3.21
CA ASP D 71 10.50 6.09 4.10
C ASP D 71 11.90 6.56 3.73
N ALA D 72 12.15 6.69 2.43
CA ALA D 72 13.48 7.17 1.99
C ALA D 72 13.34 7.83 0.65
N ILE D 73 14.36 8.64 0.33
N ILE D 73 14.35 8.62 0.29
CA ILE D 73 14.49 9.34 -0.94
CA ILE D 73 14.39 9.28 -1.02
C ILE D 73 15.72 8.73 -1.61
C ILE D 73 15.70 8.89 -1.66
N GLY D 74 15.59 8.31 -2.86
CA GLY D 74 16.76 7.91 -3.62
C GLY D 74 16.93 8.83 -4.84
N GLU D 75 18.15 8.91 -5.36
CA GLU D 75 18.37 9.76 -6.54
C GLU D 75 19.55 9.18 -7.31
N CYS D 76 19.38 9.18 -8.65
CA CYS D 76 20.43 8.73 -9.59
C CYS D 76 20.79 9.82 -10.57
N TRP D 77 22.06 9.94 -10.82
CA TRP D 77 22.59 10.90 -11.79
C TRP D 77 23.25 10.14 -12.90
N PHE D 78 23.05 10.56 -14.15
CA PHE D 78 23.73 9.97 -15.30
C PHE D 78 24.31 11.12 -16.13
N ALA D 79 25.54 10.95 -16.61
CA ALA D 79 26.23 12.09 -17.24
C ALA D 79 25.68 12.36 -18.63
N SER D 80 25.01 11.40 -19.23
CA SER D 80 24.53 11.52 -20.62
C SER D 80 23.55 10.41 -20.90
N GLU D 81 22.79 10.50 -22.00
N GLU D 81 22.85 10.50 -22.04
CA GLU D 81 21.89 9.43 -22.34
CA GLU D 81 21.93 9.48 -22.48
C GLU D 81 22.68 8.15 -22.72
C GLU D 81 22.69 8.18 -22.70
N GLU D 82 23.90 8.28 -23.25
CA GLU D 82 24.68 7.09 -23.57
C GLU D 82 24.99 6.34 -22.25
N GLN D 83 25.36 7.09 -21.21
CA GLN D 83 25.65 6.40 -19.94
C GLN D 83 24.41 5.79 -19.33
N TYR D 84 23.28 6.46 -19.44
CA TYR D 84 22.04 5.87 -18.98
C TYR D 84 21.78 4.53 -19.66
N GLN D 85 21.98 4.47 -20.99
CA GLN D 85 21.79 3.21 -21.67
C GLN D 85 22.78 2.12 -21.28
N VAL D 86 24.04 2.49 -21.04
CA VAL D 86 25.03 1.50 -20.56
C VAL D 86 24.50 0.93 -19.22
N TYR D 87 24.01 1.80 -18.34
CA TYR D 87 23.43 1.40 -17.06
C TYR D 87 22.24 0.48 -17.28
N MET D 88 21.34 0.84 -18.19
CA MET D 88 20.15 -0.01 -18.42
C MET D 88 20.53 -1.42 -18.92
N GLU D 89 21.61 -1.52 -19.69
CA GLU D 89 22.03 -2.82 -20.25
C GLU D 89 22.78 -3.68 -19.30
N SER D 90 23.30 -3.11 -18.22
CA SER D 90 24.26 -3.75 -17.38
C SER D 90 23.69 -4.87 -16.48
N ASP D 91 24.37 -6.00 -16.43
CA ASP D 91 23.91 -7.10 -15.54
C ASP D 91 24.13 -6.74 -14.10
N ILE D 92 25.13 -5.92 -13.72
N ILE D 92 25.06 -5.85 -13.85
CA ILE D 92 25.24 -5.57 -12.27
CA ILE D 92 25.35 -5.37 -12.53
C ILE D 92 24.09 -4.61 -11.87
C ILE D 92 24.14 -4.61 -11.94
N ARG D 93 23.60 -3.75 -12.77
CA ARG D 93 22.40 -2.96 -12.48
C ARG D 93 21.24 -3.88 -12.26
N LYS D 94 21.03 -4.87 -13.13
CA LYS D 94 19.95 -5.81 -12.92
C LYS D 94 20.02 -6.51 -11.55
N ALA D 95 21.21 -6.91 -11.13
CA ALA D 95 21.39 -7.53 -9.80
C ALA D 95 21.10 -6.51 -8.69
N TRP D 96 21.49 -5.26 -8.89
CA TRP D 96 21.22 -4.23 -7.88
C TRP D 96 19.70 -4.05 -7.74
N PHE D 97 18.99 -4.07 -8.85
CA PHE D 97 17.53 -3.97 -8.81
C PHE D 97 16.88 -5.19 -8.12
N GLU D 98 17.50 -6.37 -8.18
CA GLU D 98 16.97 -7.51 -7.40
C GLU D 98 17.07 -7.21 -5.92
N HIS D 99 18.17 -6.58 -5.47
CA HIS D 99 18.21 -6.12 -4.09
C HIS D 99 17.14 -5.10 -3.78
N GLY D 100 16.90 -4.17 -4.69
CA GLY D 100 15.76 -3.28 -4.58
C GLY D 100 14.44 -3.96 -4.35
N LYS D 101 14.20 -5.07 -5.03
CA LYS D 101 12.92 -5.76 -4.84
C LYS D 101 12.77 -6.29 -3.45
N TYR D 102 13.87 -6.58 -2.80
CA TYR D 102 13.88 -7.09 -1.43
C TYR D 102 13.53 -5.98 -0.42
N PHE D 103 14.11 -4.77 -0.53
CA PHE D 103 13.88 -3.77 0.54
C PHE D 103 13.00 -2.57 0.18
N ILE D 104 12.53 -2.53 -1.07
CA ILE D 104 11.64 -1.46 -1.51
C ILE D 104 10.25 -2.06 -1.77
N GLY D 105 9.30 -1.71 -0.95
CA GLY D 105 7.89 -2.20 -1.09
C GLY D 105 7.18 -1.49 -2.21
N GLN D 106 7.33 -0.16 -2.35
CA GLN D 106 6.65 0.62 -3.36
C GLN D 106 7.62 1.73 -3.74
N LEU D 107 7.56 2.18 -4.99
N LEU D 107 7.56 2.17 -5.00
CA LEU D 107 8.51 3.18 -5.50
CA LEU D 107 8.54 3.12 -5.57
C LEU D 107 7.84 4.10 -6.47
C LEU D 107 7.81 4.10 -6.47
N LYS D 108 8.13 5.40 -6.37
CA LYS D 108 7.68 6.39 -7.34
C LYS D 108 8.93 7.09 -7.96
N PRO D 109 9.20 6.95 -9.27
CA PRO D 109 10.29 7.71 -9.93
C PRO D 109 9.81 9.01 -10.52
N PHE D 110 10.69 10.02 -10.46
CA PHE D 110 10.45 11.30 -11.13
C PHE D 110 11.68 11.61 -11.96
N VAL D 111 11.55 11.72 -13.28
CA VAL D 111 12.67 12.21 -14.11
C VAL D 111 12.59 13.71 -14.06
N THR D 112 13.65 14.38 -13.68
CA THR D 112 13.61 15.83 -13.49
C THR D 112 14.22 16.60 -14.65
N GLU D 113 13.96 17.89 -14.70
CA GLU D 113 14.52 18.76 -15.72
C GLU D 113 15.08 20.00 -15.01
N GLU D 114 16.31 20.39 -15.32
CA GLU D 114 16.90 21.62 -14.77
C GLU D 114 16.25 22.85 -15.36
N LEU D 115 16.20 23.88 -14.52
CA LEU D 115 15.58 25.16 -14.90
C LEU D 115 16.59 26.30 -14.94
N VAL D 116 17.70 26.10 -14.24
CA VAL D 116 18.67 27.13 -13.98
C VAL D 116 20.04 26.51 -14.19
#